data_3S9B
#
_entry.id   3S9B
#
_cell.length_a   80.042
_cell.length_b   80.042
_cell.length_c   160.415
_cell.angle_alpha   90.00
_cell.angle_beta   90.00
_cell.angle_gamma   120.00
#
_symmetry.space_group_name_H-M   'P 65 2 2'
#
loop_
_entity.id
_entity.type
_entity.pdbx_description
1 polymer 'Vipera russelli proteinase RVV-V gamma'
2 non-polymer 2-acetamido-2-deoxy-beta-D-glucopyranose
3 water water
#
_entity_poly.entity_id   1
_entity_poly.type   'polypeptide(L)'
_entity_poly.pdbx_seq_one_letter_code
;VVGGDECNINEHPFLVALYTSASSTIHCAGALINREWVLTAAHCDRRNIRIKLGMHSKNIRNEDEQIRVPRGKYFCLNTK
FPNGLDKDIMLIRLRRPVTYSTHIAPVSLPSRSRGVGSRCRIMGWGKISTTTYPDVPHCTNIFIVKHKWCEPLYPWVPAD
SRTLCAGILKGGRDTCHGDSGGPLICNGEMHGIVAGGSEPCGQHLKPAVYTKVFDYNNWIQSIIAGNRTVTCPP
;
_entity_poly.pdbx_strand_id   A
#
loop_
_chem_comp.id
_chem_comp.type
_chem_comp.name
_chem_comp.formula
NAG D-saccharide, beta linking 2-acetamido-2-deoxy-beta-D-glucopyranose 'C8 H15 N O6'
#
# COMPACT_ATOMS: atom_id res chain seq x y z
N VAL A 1 0.33 0.77 11.87
CA VAL A 1 0.65 -0.67 12.06
C VAL A 1 0.71 -0.98 13.56
N VAL A 2 -0.06 -1.97 14.00
CA VAL A 2 -0.04 -2.34 15.42
C VAL A 2 0.74 -3.63 15.62
N GLY A 3 1.32 -3.77 16.80
CA GLY A 3 2.06 -4.98 17.11
C GLY A 3 3.49 -5.00 16.62
N GLY A 4 3.97 -3.88 16.10
CA GLY A 4 5.34 -3.82 15.63
C GLY A 4 6.16 -2.78 16.36
N ASP A 5 7.16 -2.24 15.67
CA ASP A 5 8.04 -1.22 16.23
C ASP A 5 8.51 -0.33 15.09
N GLU A 6 9.20 0.75 15.42
CA GLU A 6 9.73 1.66 14.40
C GLU A 6 10.54 0.87 13.40
N CYS A 7 10.33 1.14 12.12
CA CYS A 7 11.07 0.43 11.07
C CYS A 7 12.54 0.83 11.05
N ASN A 8 13.37 -0.05 10.52
CA ASN A 8 14.79 0.27 10.37
C ASN A 8 14.77 1.42 9.36
N ILE A 9 15.58 2.44 9.58
CA ILE A 9 15.60 3.60 8.71
C ILE A 9 15.95 3.33 7.25
N ASN A 10 16.68 2.25 6.98
CA ASN A 10 17.08 1.92 5.61
C ASN A 10 16.25 0.83 4.94
N GLU A 11 15.27 0.27 5.64
CA GLU A 11 14.51 -0.84 5.06
C GLU A 11 13.26 -0.53 4.24
N HIS A 12 12.88 0.72 4.14
CA HIS A 12 11.68 1.08 3.40
C HIS A 12 11.91 2.22 2.40
N PRO A 13 12.96 2.14 1.59
CA PRO A 13 13.24 3.20 0.61
C PRO A 13 12.19 3.39 -0.48
N PHE A 14 11.36 2.38 -0.66
CA PHE A 14 10.31 2.42 -1.67
C PHE A 14 9.00 2.96 -1.09
N LEU A 15 8.97 3.17 0.23
CA LEU A 15 7.75 3.65 0.89
C LEU A 15 7.55 5.15 0.77
N VAL A 16 6.37 5.56 0.30
CA VAL A 16 6.06 6.97 0.18
C VAL A 16 4.85 7.28 1.03
N ALA A 17 4.75 8.55 1.45
CA ALA A 17 3.64 8.99 2.28
C ALA A 17 2.77 9.94 1.49
N LEU A 18 1.46 9.75 1.55
CA LEU A 18 0.53 10.59 0.82
C LEU A 18 -0.23 11.52 1.73
N TYR A 19 -0.31 12.79 1.33
CA TYR A 19 -1.07 13.77 2.08
C TYR A 19 -1.69 14.71 1.06
N THR A 20 -2.14 15.89 1.47
CA THR A 20 -2.73 16.82 0.52
C THR A 20 -2.21 18.23 0.71
N SER A 21 -2.52 19.11 -0.23
CA SER A 21 -2.04 20.50 -0.12
C SER A 21 -2.78 21.23 0.98
N ALA A 22 -3.85 20.62 1.50
CA ALA A 22 -4.64 21.24 2.56
C ALA A 22 -4.31 20.68 3.94
N SER A 23 -3.84 19.45 3.99
CA SER A 23 -3.51 18.81 5.26
C SER A 23 -2.17 18.07 5.22
N SER A 24 -1.41 18.18 6.30
CA SER A 24 -0.12 17.51 6.40
C SER A 24 -0.30 16.12 6.99
N THR A 25 -1.54 15.76 7.27
CA THR A 25 -1.83 14.44 7.83
C THR A 25 -1.58 13.38 6.76
N ILE A 26 -0.90 12.30 7.13
CA ILE A 26 -0.62 11.22 6.20
C ILE A 26 -1.85 10.32 6.19
N HIS A 27 -2.66 10.43 5.14
CA HIS A 27 -3.88 9.63 5.08
C HIS A 27 -3.67 8.25 4.46
N CYS A 28 -2.52 8.06 3.83
CA CYS A 28 -2.20 6.79 3.18
C CYS A 28 -0.72 6.70 2.85
N ALA A 29 -0.31 5.53 2.39
CA ALA A 29 1.06 5.29 1.97
C ALA A 29 0.99 4.84 0.51
N GLY A 30 2.16 4.57 -0.07
CA GLY A 30 2.24 4.12 -1.44
C GLY A 30 3.62 3.49 -1.63
N ALA A 31 3.89 2.98 -2.82
CA ALA A 31 5.19 2.38 -3.09
C ALA A 31 5.77 2.87 -4.42
N LEU A 32 7.05 3.21 -4.42
CA LEU A 32 7.73 3.67 -5.62
C LEU A 32 8.07 2.47 -6.50
N ILE A 33 7.59 2.49 -7.75
CA ILE A 33 7.81 1.40 -8.72
C ILE A 33 9.04 1.65 -9.59
N ASN A 34 9.27 2.91 -9.92
CA ASN A 34 10.45 3.31 -10.69
C ASN A 34 10.61 4.80 -10.42
N ARG A 35 11.50 5.46 -11.15
CA ARG A 35 11.78 6.88 -10.92
C ARG A 35 10.60 7.86 -11.01
N GLU A 36 9.51 7.49 -11.66
CA GLU A 36 8.41 8.44 -11.73
C GLU A 36 7.01 7.86 -11.55
N TRP A 37 6.94 6.64 -11.01
CA TRP A 37 5.64 5.99 -10.76
C TRP A 37 5.50 5.43 -9.36
N VAL A 38 4.33 5.68 -8.77
CA VAL A 38 4.00 5.21 -7.43
C VAL A 38 2.72 4.38 -7.49
N LEU A 39 2.71 3.26 -6.76
CA LEU A 39 1.56 2.37 -6.71
C LEU A 39 0.92 2.52 -5.34
N THR A 40 -0.40 2.69 -5.32
CA THR A 40 -1.11 2.85 -4.05
C THR A 40 -2.55 2.35 -4.22
N ALA A 41 -3.41 2.61 -3.23
CA ALA A 41 -4.81 2.19 -3.30
C ALA A 41 -5.65 3.30 -3.92
N ALA A 42 -6.67 2.93 -4.68
CA ALA A 42 -7.54 3.92 -5.32
C ALA A 42 -8.23 4.81 -4.29
N HIS A 43 -8.68 4.23 -3.18
CA HIS A 43 -9.39 5.03 -2.18
C HIS A 43 -8.50 6.06 -1.49
N CYS A 44 -7.20 6.02 -1.76
CA CYS A 44 -6.26 6.97 -1.19
C CYS A 44 -6.21 8.25 -2.00
N ASP A 45 -6.89 8.25 -3.14
CA ASP A 45 -6.90 9.40 -4.01
C ASP A 45 -7.55 10.59 -3.32
N ARG A 46 -7.09 11.79 -3.66
CA ARG A 46 -7.62 13.04 -3.13
C ARG A 46 -7.41 14.10 -4.22
N ARG A 47 -8.14 15.20 -4.15
CA ARG A 47 -8.02 16.25 -5.14
C ARG A 47 -6.60 16.77 -5.38
N ASN A 48 -5.95 17.24 -4.33
CA ASN A 48 -4.59 17.78 -4.47
C ASN A 48 -3.58 16.94 -3.70
N ILE A 49 -3.31 15.75 -4.22
CA ILE A 49 -2.38 14.83 -3.59
C ILE A 49 -0.95 15.36 -3.54
N ARG A 50 -0.29 15.10 -2.41
CA ARG A 50 1.10 15.48 -2.21
C ARG A 50 1.79 14.18 -1.79
N ILE A 51 2.97 13.93 -2.34
CA ILE A 51 3.71 12.71 -2.03
C ILE A 51 5.09 13.01 -1.43
N LYS A 52 5.37 12.38 -0.30
CA LYS A 52 6.66 12.56 0.37
C LYS A 52 7.47 11.30 0.11
N LEU A 53 8.66 11.46 -0.47
CA LEU A 53 9.51 10.30 -0.73
C LEU A 53 10.80 10.45 0.07
N GLY A 54 11.41 9.33 0.45
CA GLY A 54 12.64 9.36 1.21
C GLY A 54 12.46 9.80 2.66
N MET A 55 11.23 9.69 3.17
CA MET A 55 10.99 10.11 4.54
C MET A 55 10.89 8.98 5.54
N HIS A 56 11.36 9.24 6.75
CA HIS A 56 11.26 8.27 7.85
C HIS A 56 10.49 9.09 8.90
N SER A 57 11.18 9.89 9.69
CA SER A 57 10.49 10.72 10.68
C SER A 57 9.81 11.94 10.04
N LYS A 58 8.61 12.25 10.51
CA LYS A 58 7.86 13.41 10.00
C LYS A 58 8.41 14.70 10.60
N ASN A 59 9.28 14.56 11.60
CA ASN A 59 9.84 15.72 12.29
C ASN A 59 11.35 15.93 12.08
N ILE A 60 12.02 14.95 11.50
CA ILE A 60 13.46 15.06 11.22
C ILE A 60 13.60 14.60 9.79
N ARG A 61 13.79 15.52 8.86
CA ARG A 61 13.88 15.11 7.45
C ARG A 61 15.20 14.51 7.02
N ASN A 62 15.10 13.45 6.22
CA ASN A 62 16.28 12.80 5.68
C ASN A 62 16.90 13.77 4.68
N GLU A 63 18.20 13.63 4.46
CA GLU A 63 18.92 14.50 3.56
C GLU A 63 18.34 14.44 2.14
N ASP A 64 17.86 13.26 1.75
CA ASP A 64 17.33 13.07 0.42
C ASP A 64 15.80 13.08 0.30
N GLU A 65 15.12 13.56 1.33
CA GLU A 65 13.66 13.61 1.32
C GLU A 65 13.19 14.49 0.14
N GLN A 66 12.13 14.07 -0.54
CA GLN A 66 11.60 14.80 -1.69
C GLN A 66 10.08 14.91 -1.62
N ILE A 67 9.55 15.93 -2.28
CA ILE A 67 8.10 16.15 -2.34
C ILE A 67 7.73 16.18 -3.81
N ARG A 68 6.63 15.54 -4.17
CA ARG A 68 6.17 15.51 -5.54
C ARG A 68 4.66 15.56 -5.65
N VAL A 69 4.16 16.01 -6.80
CA VAL A 69 2.73 16.06 -7.04
C VAL A 69 2.49 15.19 -8.27
N PRO A 70 1.25 14.72 -8.46
CA PRO A 70 1.00 13.88 -9.63
C PRO A 70 0.91 14.65 -10.94
N ARG A 71 1.25 13.99 -12.04
CA ARG A 71 1.09 14.60 -13.36
C ARG A 71 0.03 13.74 -14.06
N GLY A 72 -0.29 12.62 -13.41
CA GLY A 72 -1.29 11.71 -13.94
C GLY A 72 -1.69 10.67 -12.91
N LYS A 73 -2.94 10.24 -12.94
CA LYS A 73 -3.44 9.23 -12.00
C LYS A 73 -4.29 8.25 -12.79
N TYR A 74 -4.03 6.96 -12.63
CA TYR A 74 -4.76 5.95 -13.40
C TYR A 74 -5.44 4.87 -12.56
N PHE A 75 -6.68 4.54 -12.94
CA PHE A 75 -7.49 3.56 -12.22
C PHE A 75 -8.05 2.47 -13.12
N CYS A 76 -8.63 1.47 -12.48
CA CYS A 76 -9.30 0.39 -13.17
C CYS A 76 -10.65 0.99 -13.48
N LEU A 77 -11.14 0.83 -14.69
CA LEU A 77 -12.45 1.40 -15.02
C LEU A 77 -13.53 0.36 -15.21
N ASN A 78 -13.15 -0.92 -15.08
CA ASN A 78 -14.08 -2.04 -15.22
C ASN A 78 -14.25 -2.71 -13.87
N THR A 79 -14.86 -2.01 -12.92
CA THR A 79 -15.05 -2.55 -11.57
C THR A 79 -16.46 -3.03 -11.32
N LYS A 80 -16.63 -3.87 -10.31
CA LYS A 80 -17.95 -4.40 -9.98
C LYS A 80 -18.75 -3.39 -9.18
N PHE A 81 -18.05 -2.58 -8.39
CA PHE A 81 -18.71 -1.55 -7.60
C PHE A 81 -18.42 -0.24 -8.29
N PRO A 82 -19.41 0.66 -8.35
CA PRO A 82 -19.20 1.96 -9.00
C PRO A 82 -18.11 2.79 -8.31
N ASN A 83 -17.94 2.61 -6.99
CA ASN A 83 -16.91 3.36 -6.28
C ASN A 83 -15.54 2.75 -6.53
N GLY A 84 -15.53 1.65 -7.27
CA GLY A 84 -14.28 0.96 -7.62
C GLY A 84 -13.51 0.28 -6.50
N LEU A 85 -14.10 0.11 -5.34
CA LEU A 85 -13.38 -0.50 -4.22
C LEU A 85 -13.05 -1.99 -4.32
N ASP A 86 -13.63 -2.68 -5.29
CA ASP A 86 -13.33 -4.10 -5.47
C ASP A 86 -11.99 -4.27 -6.16
N LYS A 87 -11.51 -3.21 -6.81
CA LYS A 87 -10.20 -3.23 -7.46
C LYS A 87 -9.51 -1.99 -6.94
N ASP A 88 -9.18 -2.05 -5.65
CA ASP A 88 -8.56 -0.93 -4.96
C ASP A 88 -7.08 -0.75 -5.30
N ILE A 89 -6.84 -0.10 -6.42
CA ILE A 89 -5.47 0.13 -6.89
C ILE A 89 -5.41 1.35 -7.80
N MET A 90 -4.33 2.11 -7.70
CA MET A 90 -4.16 3.29 -8.53
C MET A 90 -2.70 3.54 -8.80
N LEU A 91 -2.40 4.07 -9.99
CA LEU A 91 -1.04 4.41 -10.35
C LEU A 91 -0.96 5.91 -10.39
N ILE A 92 0.10 6.46 -9.83
CA ILE A 92 0.31 7.90 -9.82
C ILE A 92 1.62 8.18 -10.55
N ARG A 93 1.58 9.01 -11.58
CA ARG A 93 2.83 9.36 -12.25
C ARG A 93 3.29 10.67 -11.65
N LEU A 94 4.54 10.70 -11.16
CA LEU A 94 5.10 11.89 -10.56
C LEU A 94 5.34 12.97 -11.62
N ARG A 95 5.10 14.23 -11.25
CA ARG A 95 5.28 15.34 -12.18
C ARG A 95 6.74 15.45 -12.62
N ARG A 96 7.64 15.13 -11.71
CA ARG A 96 9.07 15.16 -11.96
C ARG A 96 9.62 13.89 -11.33
N PRO A 97 10.56 13.22 -12.00
CA PRO A 97 11.12 11.99 -11.41
C PRO A 97 12.02 12.23 -10.21
N VAL A 98 12.34 11.15 -9.51
CA VAL A 98 13.23 11.23 -8.37
C VAL A 98 14.45 10.41 -8.75
N THR A 99 15.56 10.63 -8.06
CA THR A 99 16.77 9.86 -8.33
C THR A 99 16.92 8.91 -7.15
N TYR A 100 17.45 7.72 -7.41
CA TYR A 100 17.59 6.75 -6.33
C TYR A 100 18.70 7.17 -5.38
N SER A 101 18.50 6.85 -4.10
CA SER A 101 19.45 7.17 -3.06
C SER A 101 19.19 6.23 -1.89
N THR A 102 19.89 6.42 -0.78
CA THR A 102 19.71 5.57 0.39
C THR A 102 18.25 5.39 0.82
N HIS A 103 17.51 6.47 0.87
CA HIS A 103 16.14 6.40 1.32
C HIS A 103 15.07 6.43 0.21
N ILE A 104 15.53 6.36 -1.04
CA ILE A 104 14.61 6.35 -2.20
C ILE A 104 15.07 5.27 -3.18
N ALA A 105 14.25 4.23 -3.33
CA ALA A 105 14.56 3.12 -4.23
C ALA A 105 13.26 2.44 -4.65
N PRO A 106 13.26 1.78 -5.82
CA PRO A 106 12.03 1.12 -6.27
C PRO A 106 11.84 -0.26 -5.66
N VAL A 107 10.59 -0.68 -5.53
CA VAL A 107 10.32 -2.02 -5.02
C VAL A 107 9.90 -2.83 -6.25
N SER A 108 10.37 -4.06 -6.36
CA SER A 108 10.01 -4.87 -7.52
C SER A 108 8.62 -5.49 -7.42
N LEU A 109 7.97 -5.62 -8.58
CA LEU A 109 6.65 -6.22 -8.65
C LEU A 109 6.85 -7.72 -8.42
N PRO A 110 5.79 -8.44 -8.08
CA PRO A 110 5.93 -9.89 -7.86
C PRO A 110 6.27 -10.65 -9.15
N SER A 111 7.22 -11.57 -9.05
CA SER A 111 7.64 -12.36 -10.20
C SER A 111 6.81 -13.63 -10.32
N ARG A 112 6.04 -13.93 -9.28
CA ARG A 112 5.19 -15.10 -9.25
C ARG A 112 4.16 -14.90 -8.16
N SER A 113 3.10 -15.67 -8.19
CA SER A 113 2.06 -15.57 -7.18
C SER A 113 2.52 -16.28 -5.91
N ARG A 114 2.19 -15.71 -4.75
CA ARG A 114 2.53 -16.31 -3.46
C ARG A 114 1.24 -16.33 -2.66
N GLY A 115 1.02 -17.41 -1.92
CA GLY A 115 -0.23 -17.50 -1.17
C GLY A 115 -0.17 -17.84 0.29
N VAL A 116 -1.21 -18.55 0.74
CA VAL A 116 -1.35 -18.95 2.13
C VAL A 116 -0.06 -19.49 2.72
N GLY A 117 0.30 -18.98 3.89
CA GLY A 117 1.51 -19.43 4.56
C GLY A 117 2.71 -18.52 4.35
N SER A 118 2.68 -17.70 3.31
CA SER A 118 3.79 -16.79 3.02
C SER A 118 3.95 -15.77 4.16
N ARG A 119 5.19 -15.51 4.55
CA ARG A 119 5.43 -14.53 5.60
C ARG A 119 5.73 -13.23 4.89
N CYS A 120 5.05 -12.16 5.30
CA CYS A 120 5.22 -10.87 4.66
C CYS A 120 5.42 -9.78 5.70
N ARG A 121 5.79 -8.60 5.25
CA ARG A 121 6.02 -7.47 6.13
C ARG A 121 5.15 -6.29 5.75
N ILE A 122 4.57 -5.64 6.75
CA ILE A 122 3.73 -4.47 6.50
C ILE A 122 4.42 -3.27 7.15
N MET A 123 4.09 -2.07 6.69
CA MET A 123 4.73 -0.87 7.20
C MET A 123 3.89 0.34 6.87
N GLY A 124 4.01 1.38 7.69
CA GLY A 124 3.26 2.59 7.44
C GLY A 124 3.31 3.54 8.62
N TRP A 125 2.71 4.70 8.45
CA TRP A 125 2.65 5.73 9.49
C TRP A 125 1.25 5.75 10.11
N GLY A 126 0.53 4.64 9.99
CA GLY A 126 -0.82 4.56 10.54
C GLY A 126 -0.82 4.34 12.04
N LYS A 127 -2.00 4.22 12.65
CA LYS A 127 -2.11 4.02 14.09
C LYS A 127 -1.29 2.85 14.63
N ILE A 128 -0.66 3.05 15.79
CA ILE A 128 0.13 2.00 16.41
C ILE A 128 -0.58 1.54 17.69
N SER A 129 -1.64 2.24 18.05
CA SER A 129 -2.42 1.93 19.22
C SER A 129 -3.67 2.81 19.17
N THR A 130 -4.59 2.59 20.10
CA THR A 130 -5.82 3.38 20.12
C THR A 130 -5.50 4.86 19.98
N THR A 131 -6.08 5.48 18.96
CA THR A 131 -5.90 6.90 18.66
C THR A 131 -4.46 7.43 18.77
N THR A 132 -3.47 6.64 18.37
CA THR A 132 -2.08 7.07 18.43
C THR A 132 -1.34 6.90 17.10
N TYR A 133 -0.92 8.02 16.50
CA TYR A 133 -0.19 7.97 15.23
C TYR A 133 1.28 8.28 15.48
N PRO A 134 2.19 7.46 14.94
CA PRO A 134 3.63 7.67 15.14
C PRO A 134 4.22 8.73 14.22
N ASP A 135 5.39 9.25 14.60
CA ASP A 135 6.08 10.24 13.77
C ASP A 135 7.02 9.51 12.83
N VAL A 136 7.21 8.23 13.07
CA VAL A 136 8.07 7.39 12.25
C VAL A 136 7.25 6.18 11.81
N PRO A 137 7.60 5.59 10.66
CA PRO A 137 6.81 4.43 10.20
C PRO A 137 7.08 3.20 11.07
N HIS A 138 6.05 2.38 11.29
CA HIS A 138 6.22 1.15 12.05
C HIS A 138 6.11 -0.05 11.11
N CYS A 139 6.76 -1.13 11.51
CA CYS A 139 6.85 -2.36 10.73
C CYS A 139 6.59 -3.60 11.57
N THR A 140 6.05 -4.65 10.94
CA THR A 140 5.85 -5.92 11.60
C THR A 140 5.61 -7.00 10.55
N ASN A 141 5.74 -8.26 10.94
CA ASN A 141 5.54 -9.35 10.00
C ASN A 141 4.18 -10.02 10.21
N ILE A 142 3.55 -10.40 9.10
CA ILE A 142 2.26 -11.08 9.16
C ILE A 142 2.29 -12.22 8.15
N PHE A 143 1.20 -12.98 8.10
CA PHE A 143 1.10 -14.10 7.17
C PHE A 143 -0.11 -13.99 6.26
N ILE A 144 0.04 -14.50 5.04
CA ILE A 144 -1.08 -14.51 4.13
C ILE A 144 -1.85 -15.72 4.65
N VAL A 145 -3.13 -15.54 4.92
CA VAL A 145 -3.95 -16.62 5.44
C VAL A 145 -5.04 -16.99 4.43
N LYS A 146 -5.78 -18.06 4.70
CA LYS A 146 -6.83 -18.47 3.77
C LYS A 146 -7.77 -17.30 3.51
N HIS A 147 -8.03 -17.06 2.24
CA HIS A 147 -8.88 -15.96 1.81
C HIS A 147 -10.28 -16.03 2.44
N LYS A 148 -10.70 -17.22 2.85
CA LYS A 148 -12.02 -17.40 3.47
C LYS A 148 -12.20 -16.56 4.74
N TRP A 149 -11.10 -16.23 5.42
CA TRP A 149 -11.19 -15.43 6.64
C TRP A 149 -11.71 -14.02 6.37
N CYS A 150 -11.37 -13.50 5.20
CA CYS A 150 -11.77 -12.14 4.82
C CYS A 150 -13.18 -12.01 4.20
N GLU A 151 -13.54 -12.95 3.34
CA GLU A 151 -14.82 -12.90 2.64
C GLU A 151 -16.05 -12.56 3.48
N PRO A 152 -16.20 -13.17 4.66
CA PRO A 152 -17.37 -12.88 5.50
C PRO A 152 -17.31 -11.48 6.11
N LEU A 153 -16.14 -11.11 6.63
CA LEU A 153 -15.92 -9.81 7.27
C LEU A 153 -16.13 -8.65 6.33
N TYR A 154 -15.68 -8.82 5.09
CA TYR A 154 -15.80 -7.77 4.10
C TYR A 154 -16.56 -8.36 2.91
N PRO A 155 -17.85 -8.68 3.10
CA PRO A 155 -18.73 -9.26 2.08
C PRO A 155 -18.68 -8.60 0.71
N TRP A 156 -17.82 -7.60 0.56
CA TRP A 156 -17.63 -6.89 -0.70
C TRP A 156 -16.34 -7.39 -1.35
N VAL A 157 -15.68 -8.31 -0.67
CA VAL A 157 -14.45 -8.94 -1.15
C VAL A 157 -14.84 -10.41 -1.34
N PRO A 158 -15.42 -10.74 -2.51
CA PRO A 158 -15.85 -12.11 -2.79
C PRO A 158 -14.70 -13.11 -2.91
N ALA A 159 -15.06 -14.39 -2.92
CA ALA A 159 -14.08 -15.46 -3.01
C ALA A 159 -13.12 -15.29 -4.19
N ASP A 160 -13.59 -14.73 -5.29
CA ASP A 160 -12.72 -14.56 -6.46
C ASP A 160 -12.02 -13.21 -6.55
N SER A 161 -12.14 -12.42 -5.51
CA SER A 161 -11.51 -11.10 -5.46
C SER A 161 -10.01 -11.25 -5.72
N ARG A 162 -9.44 -10.30 -6.45
CA ARG A 162 -8.01 -10.34 -6.73
C ARG A 162 -7.36 -9.63 -5.54
N THR A 163 -7.46 -10.30 -4.40
CA THR A 163 -6.94 -9.80 -3.14
C THR A 163 -6.32 -10.92 -2.31
N LEU A 164 -5.48 -10.54 -1.36
CA LEU A 164 -4.84 -11.47 -0.44
C LEU A 164 -5.35 -11.12 0.94
N CYS A 165 -5.66 -12.15 1.72
CA CYS A 165 -6.13 -11.96 3.08
C CYS A 165 -4.87 -12.19 3.93
N ALA A 166 -4.58 -11.28 4.85
CA ALA A 166 -3.36 -11.43 5.65
C ALA A 166 -3.40 -10.76 7.01
N GLY A 167 -2.59 -11.30 7.92
CA GLY A 167 -2.50 -10.79 9.27
C GLY A 167 -2.05 -11.90 10.21
N ILE A 168 -2.52 -11.84 11.46
CA ILE A 168 -2.22 -12.85 12.46
C ILE A 168 -3.56 -13.24 13.05
N LEU A 169 -3.99 -14.48 12.81
CA LEU A 169 -5.28 -14.94 13.30
C LEU A 169 -5.50 -14.70 14.78
N LYS A 170 -4.44 -14.80 15.57
CA LYS A 170 -4.55 -14.58 17.00
C LYS A 170 -4.68 -13.09 17.34
N GLY A 171 -4.49 -12.24 16.32
CA GLY A 171 -4.58 -10.81 16.52
C GLY A 171 -3.28 -10.19 17.01
N GLY A 172 -3.26 -8.88 17.22
CA GLY A 172 -2.05 -8.24 17.71
C GLY A 172 -1.19 -7.50 16.68
N ARG A 173 -1.18 -7.99 15.44
CA ARG A 173 -0.40 -7.36 14.36
C ARG A 173 -1.30 -7.17 13.16
N ASP A 174 -1.35 -5.94 12.63
CA ASP A 174 -2.26 -5.65 11.53
C ASP A 174 -1.97 -4.25 11.00
N THR A 175 -2.47 -3.94 9.80
CA THR A 175 -2.32 -2.59 9.28
C THR A 175 -3.49 -1.82 9.90
N CYS A 176 -3.40 -0.50 9.97
CA CYS A 176 -4.46 0.28 10.59
C CYS A 176 -4.78 1.54 9.82
N HIS A 177 -5.64 2.38 10.38
CA HIS A 177 -6.02 3.63 9.73
C HIS A 177 -4.76 4.45 9.44
N GLY A 178 -4.60 4.88 8.20
CA GLY A 178 -3.43 5.64 7.83
C GLY A 178 -2.44 4.78 7.08
N ASP A 179 -2.59 3.46 7.19
CA ASP A 179 -1.69 2.51 6.50
C ASP A 179 -2.17 2.11 5.10
N SER A 180 -3.43 2.39 4.78
CA SER A 180 -3.97 2.02 3.46
C SER A 180 -3.09 2.51 2.33
N GLY A 181 -3.02 1.73 1.26
CA GLY A 181 -2.22 2.10 0.11
C GLY A 181 -0.77 1.67 0.18
N GLY A 182 -0.33 1.29 1.38
CA GLY A 182 1.05 0.87 1.57
C GLY A 182 1.34 -0.50 0.98
N PRO A 183 2.62 -0.88 0.89
CA PRO A 183 2.99 -2.19 0.32
C PRO A 183 3.06 -3.33 1.33
N LEU A 184 2.69 -4.53 0.84
CA LEU A 184 2.79 -5.75 1.62
C LEU A 184 3.98 -6.40 0.93
N ILE A 185 5.09 -6.55 1.66
CA ILE A 185 6.31 -7.11 1.07
C ILE A 185 6.49 -8.57 1.44
N CYS A 186 6.65 -9.43 0.44
CA CYS A 186 6.86 -10.86 0.69
C CYS A 186 8.02 -11.30 -0.20
N ASN A 187 9.05 -11.85 0.42
CA ASN A 187 10.22 -12.31 -0.32
C ASN A 187 10.84 -11.20 -1.17
N GLY A 188 10.96 -10.01 -0.58
CA GLY A 188 11.55 -8.88 -1.28
C GLY A 188 10.79 -8.30 -2.46
N GLU A 189 9.51 -8.65 -2.59
CA GLU A 189 8.69 -8.14 -3.68
C GLU A 189 7.38 -7.59 -3.12
N MET A 190 6.79 -6.63 -3.82
CA MET A 190 5.51 -6.06 -3.39
C MET A 190 4.36 -6.92 -3.88
N HIS A 191 3.82 -7.75 -2.99
CA HIS A 191 2.74 -8.64 -3.35
C HIS A 191 1.35 -8.06 -3.08
N GLY A 192 1.30 -7.02 -2.26
CA GLY A 192 0.00 -6.43 -1.97
C GLY A 192 0.00 -4.94 -1.75
N ILE A 193 -1.19 -4.37 -1.81
CA ILE A 193 -1.41 -2.95 -1.57
C ILE A 193 -2.42 -2.96 -0.43
N VAL A 194 -2.14 -2.27 0.66
CA VAL A 194 -3.08 -2.27 1.78
C VAL A 194 -4.40 -1.69 1.30
N ALA A 195 -5.46 -2.47 1.44
CA ALA A 195 -6.79 -2.03 1.02
C ALA A 195 -7.63 -1.66 2.24
N GLY A 196 -7.61 -2.51 3.26
CA GLY A 196 -8.39 -2.21 4.44
C GLY A 196 -8.67 -3.39 5.35
N GLY A 197 -8.95 -3.10 6.61
CA GLY A 197 -9.26 -4.14 7.57
C GLY A 197 -10.43 -3.75 8.45
N SER A 198 -10.48 -4.34 9.64
CA SER A 198 -11.55 -4.05 10.59
C SER A 198 -11.09 -3.03 11.62
N GLU A 199 -12.04 -2.29 12.19
CA GLU A 199 -11.73 -1.28 13.19
C GLU A 199 -12.40 -1.66 14.51
N PRO A 200 -11.63 -1.67 15.62
CA PRO A 200 -10.19 -1.35 15.63
C PRO A 200 -9.36 -2.46 14.99
N CYS A 201 -8.15 -2.10 14.55
CA CYS A 201 -7.25 -3.06 13.91
C CYS A 201 -6.64 -4.02 14.91
N GLY A 202 -6.14 -5.14 14.41
CA GLY A 202 -5.49 -6.13 15.25
C GLY A 202 -6.38 -7.07 16.04
N GLN A 203 -7.67 -7.10 15.71
CA GLN A 203 -8.59 -7.99 16.41
C GLN A 203 -8.39 -9.45 16.11
N HIS A 204 -8.71 -10.28 17.09
CA HIS A 204 -8.62 -11.74 16.97
C HIS A 204 -9.49 -12.19 15.78
N LEU A 205 -8.93 -13.05 14.94
CA LEU A 205 -9.64 -13.57 13.77
C LEU A 205 -10.16 -12.54 12.77
N LYS A 206 -9.51 -11.40 12.66
CA LYS A 206 -9.94 -10.39 11.70
C LYS A 206 -8.79 -9.86 10.86
N PRO A 207 -8.25 -10.71 9.97
CA PRO A 207 -7.14 -10.30 9.10
C PRO A 207 -7.62 -9.19 8.18
N ALA A 208 -6.68 -8.55 7.48
CA ALA A 208 -6.99 -7.45 6.58
C ALA A 208 -6.92 -7.85 5.11
N VAL A 209 -7.37 -6.95 4.25
CA VAL A 209 -7.40 -7.17 2.81
C VAL A 209 -6.33 -6.40 2.07
N TYR A 210 -5.62 -7.07 1.18
CA TYR A 210 -4.56 -6.45 0.40
C TYR A 210 -4.79 -6.76 -1.08
N THR A 211 -4.77 -5.72 -1.91
CA THR A 211 -4.95 -5.93 -3.35
C THR A 211 -3.80 -6.78 -3.86
N LYS A 212 -4.11 -7.87 -4.57
CA LYS A 212 -3.07 -8.77 -5.08
C LYS A 212 -2.37 -8.19 -6.31
N VAL A 213 -1.20 -7.59 -6.09
CA VAL A 213 -0.46 -6.94 -7.17
C VAL A 213 -0.14 -7.82 -8.39
N PHE A 214 0.29 -9.06 -8.14
CA PHE A 214 0.65 -9.97 -9.22
C PHE A 214 -0.37 -9.97 -10.37
N ASP A 215 -1.65 -10.05 -10.04
CA ASP A 215 -2.69 -10.05 -11.08
C ASP A 215 -2.70 -8.79 -11.93
N TYR A 216 -2.26 -7.67 -11.35
CA TYR A 216 -2.25 -6.40 -12.06
C TYR A 216 -0.92 -6.05 -12.74
N ASN A 217 0.04 -6.96 -12.69
CA ASN A 217 1.36 -6.71 -13.30
C ASN A 217 1.30 -6.22 -14.73
N ASN A 218 0.57 -6.93 -15.60
CA ASN A 218 0.50 -6.51 -17.00
C ASN A 218 -0.16 -5.15 -17.16
N TRP A 219 -1.22 -4.90 -16.39
CA TRP A 219 -1.91 -3.62 -16.45
C TRP A 219 -0.95 -2.52 -16.02
N ILE A 220 -0.24 -2.74 -14.92
CA ILE A 220 0.71 -1.76 -14.43
C ILE A 220 1.79 -1.44 -15.47
N GLN A 221 2.42 -2.48 -15.99
CA GLN A 221 3.47 -2.30 -16.98
C GLN A 221 2.98 -1.61 -18.26
N SER A 222 1.77 -1.94 -18.68
CA SER A 222 1.20 -1.32 -19.88
C SER A 222 0.99 0.17 -19.64
N ILE A 223 0.39 0.51 -18.50
CA ILE A 223 0.14 1.91 -18.18
C ILE A 223 1.45 2.68 -18.15
N ILE A 224 2.44 2.15 -17.43
CA ILE A 224 3.74 2.81 -17.34
C ILE A 224 4.36 2.99 -18.71
N ALA A 225 4.11 2.04 -19.61
CA ALA A 225 4.64 2.09 -20.96
C ALA A 225 3.97 3.18 -21.80
N GLY A 226 2.78 3.62 -21.39
CA GLY A 226 2.09 4.65 -22.12
C GLY A 226 0.73 4.27 -22.67
N ASN A 227 0.39 2.98 -22.58
CA ASN A 227 -0.91 2.51 -23.07
C ASN A 227 -2.01 3.15 -22.25
N ARG A 228 -3.08 3.58 -22.92
CA ARG A 228 -4.19 4.22 -22.24
C ARG A 228 -5.55 3.59 -22.48
N THR A 229 -5.55 2.42 -23.13
CA THR A 229 -6.80 1.72 -23.39
C THR A 229 -6.78 0.35 -22.73
N VAL A 230 -5.62 -0.05 -22.22
CA VAL A 230 -5.48 -1.33 -21.54
C VAL A 230 -6.43 -1.34 -20.35
N THR A 231 -7.05 -2.49 -20.08
CA THR A 231 -7.99 -2.58 -18.97
C THR A 231 -7.40 -3.45 -17.86
N CYS A 232 -7.94 -3.31 -16.65
CA CYS A 232 -7.46 -4.11 -15.53
C CYS A 232 -7.94 -5.53 -15.70
N PRO A 233 -7.28 -6.49 -15.03
CA PRO A 233 -7.72 -7.88 -15.15
C PRO A 233 -9.19 -7.97 -14.76
N PRO A 234 -9.98 -8.73 -15.52
CA PRO A 234 -11.42 -8.88 -15.26
C PRO A 234 -11.70 -9.27 -13.81
C1 NAG B . -2.73 -1.33 -25.34
C2 NAG B . -2.32 -1.55 -26.80
C3 NAG B . -3.29 -2.51 -27.50
C4 NAG B . -3.45 -3.79 -26.70
C5 NAG B . -3.84 -3.45 -25.25
C6 NAG B . -3.92 -4.69 -24.39
C7 NAG B . -1.13 0.28 -27.80
C8 NAG B . -0.99 1.77 -27.50
N2 NAG B . -2.29 -0.29 -27.51
O3 NAG B . -2.81 -2.82 -28.80
O4 NAG B . -4.45 -4.61 -27.29
O5 NAG B . -2.85 -2.59 -24.66
O6 NAG B . -2.66 -5.35 -24.32
O7 NAG B . -0.19 -0.34 -28.28
#